data_6GLA
#
_entry.id   6GLA
#
_cell.length_a   41.951
_cell.length_b   61.358
_cell.length_c   100.434
_cell.angle_alpha   90.00
_cell.angle_beta   92.37
_cell.angle_gamma   90.00
#
_symmetry.space_group_name_H-M   'P 1 21 1'
#
loop_
_entity.id
_entity.type
_entity.pdbx_description
1 polymer 'Tyrosine-protein kinase JAK3'
2 non-polymer (~{E})-3-[5-(3-cyclohexyl-3,5,8,10-tetrazatricyclo[7.3.0.0^{2,6}]dodeca-1(9),2(6),4,7,11-pentaen-4-yl)furan-2-yl]prop-2-enenitrile
3 non-polymer 1-phenylurea
4 non-polymer 1,2-ETHANEDIOL
5 water water
#
_entity_poly.entity_id   1
_entity_poly.type   'polypeptide(L)'
_entity_poly.pdbx_seq_one_letter_code
;SMQDPTIFEERHLKYISQLGKGNFGSVELCRYDPLGDNTGALVAVKQLQHSGPDQQRDFQREIQILKALHSDFIVKYRGV
SYGPGRQSLRLVMEYLPSGCLRDFLQRHRARLDASRLLLYSSQICKGMEYLGSRRCVHRALAARNILVESEAHVKIADFG
LAKLLPLDKDYYVVREPGQSPIFWYAPESLSDNIFSRQSDVWSFGVVLYELFTYCDKSCSPSAEFLRMMGSERDVPALSR
LLELLEEGQRLPAPPACPAEVHELMKLCWAPSPQDRPSFSALGPQLDMLWSGSR
;
_entity_poly.pdbx_strand_id   A,B
#
loop_
_chem_comp.id
_chem_comp.type
_chem_comp.name
_chem_comp.formula
EDO non-polymer 1,2-ETHANEDIOL 'C2 H6 O2'
F4B non-polymer (~{E})-3-[5-(3-cyclohexyl-3,5,8,10-tetrazatricyclo[7.3.0.0^{2,6}]dodeca-1(9),2(6),4,7,11-pentaen-4-yl)furan-2-yl]prop-2-enenitrile 'C21 H19 N5 O'
PHU non-polymer 1-phenylurea 'C7 H8 N2 O'
#
# COMPACT_ATOMS: atom_id res chain seq x y z
N ASP A 4 22.08 33.45 -36.00
CA ASP A 4 21.58 32.28 -35.24
C ASP A 4 21.05 32.77 -33.89
N PRO A 5 19.71 32.62 -33.63
CA PRO A 5 19.20 32.96 -32.28
C PRO A 5 19.64 31.94 -31.20
N THR A 6 20.23 30.82 -31.62
CA THR A 6 20.80 29.80 -30.72
C THR A 6 22.24 30.11 -30.23
N ILE A 7 22.81 31.23 -30.63
CA ILE A 7 24.10 31.67 -30.11
C ILE A 7 23.88 32.76 -29.09
N PHE A 8 24.21 32.46 -27.83
CA PHE A 8 24.15 33.43 -26.74
C PHE A 8 25.54 34.00 -26.42
N GLU A 9 25.68 35.30 -26.35
CA GLU A 9 27.00 35.94 -26.17
C GLU A 9 27.38 35.83 -24.71
N GLU A 10 28.53 35.23 -24.43
CA GLU A 10 28.98 34.99 -23.08
C GLU A 10 28.92 36.23 -22.27
N ARG A 11 29.39 37.37 -22.80
CA ARG A 11 29.38 38.60 -22.01
C ARG A 11 27.99 39.11 -21.55
N HIS A 12 26.88 38.65 -22.18
CA HIS A 12 25.52 39.05 -21.77
C HIS A 12 24.82 38.01 -20.86
N LEU A 13 25.53 36.95 -20.50
CA LEU A 13 25.03 35.98 -19.54
C LEU A 13 25.43 36.40 -18.11
N LYS A 14 24.43 36.78 -17.32
CA LYS A 14 24.61 37.20 -15.96
C LYS A 14 24.20 36.10 -14.96
N TYR A 15 25.21 35.59 -14.25
CA TYR A 15 25.05 34.54 -13.23
C TYR A 15 24.14 34.97 -12.09
N ILE A 16 23.28 34.05 -11.66
CA ILE A 16 22.34 34.36 -10.59
C ILE A 16 22.52 33.35 -9.46
N SER A 17 22.31 32.06 -9.76
CA SER A 17 22.48 31.00 -8.75
C SER A 17 22.68 29.60 -9.36
N GLN A 18 22.92 28.62 -8.50
CA GLN A 18 23.11 27.25 -8.90
C GLN A 18 21.78 26.47 -8.83
N LEU A 19 21.46 25.76 -9.89
CA LEU A 19 20.32 24.88 -9.91
C LEU A 19 20.67 23.44 -9.59
N GLY A 20 21.82 23.00 -10.06
CA GLY A 20 22.29 21.64 -9.79
C GLY A 20 23.76 21.51 -10.02
N LYS A 21 24.29 20.44 -9.45
CA LYS A 21 25.73 20.24 -9.42
C LYS A 21 25.99 18.74 -9.60
N GLY A 22 26.98 18.41 -10.38
CA GLY A 22 27.57 17.07 -10.41
C GLY A 22 29.07 17.19 -10.22
N ASN A 23 29.76 16.07 -10.40
CA ASN A 23 31.21 16.03 -10.22
C ASN A 23 31.97 16.85 -11.26
N PHE A 24 31.40 16.92 -12.46
CA PHE A 24 32.06 17.52 -13.62
C PHE A 24 31.28 18.69 -14.23
N GLY A 25 30.13 19.03 -13.64
CA GLY A 25 29.38 20.19 -14.13
C GLY A 25 28.40 20.79 -13.16
N SER A 26 27.96 21.96 -13.54
CA SER A 26 26.85 22.61 -12.86
C SER A 26 25.89 23.20 -13.90
N VAL A 27 24.63 23.24 -13.49
CA VAL A 27 23.59 24.01 -14.13
C VAL A 27 23.31 25.24 -13.25
N GLU A 28 23.38 26.40 -13.91
CA GLU A 28 23.23 27.71 -13.25
C GLU A 28 22.06 28.50 -13.83
N LEU A 29 21.36 29.19 -12.97
CA LEU A 29 20.39 30.18 -13.37
C LEU A 29 21.14 31.42 -13.75
N CYS A 30 20.90 31.86 -14.96
CA CYS A 30 21.45 33.12 -15.47
C CYS A 30 20.38 33.98 -16.14
N ARG A 31 20.64 35.27 -16.29
CA ARG A 31 19.82 36.13 -17.11
C ARG A 31 20.64 36.40 -18.40
N TYR A 32 19.97 36.28 -19.54
CA TYR A 32 20.56 36.74 -20.84
C TYR A 32 20.07 38.17 -21.03
N ASP A 33 20.98 39.09 -20.85
CA ASP A 33 20.68 40.48 -20.71
C ASP A 33 21.50 41.32 -21.72
N PRO A 34 21.23 41.15 -23.04
CA PRO A 34 21.94 41.99 -24.05
C PRO A 34 21.69 43.51 -23.93
N LEU A 35 20.57 43.93 -23.35
CA LEU A 35 20.40 45.37 -23.10
C LEU A 35 21.13 45.88 -21.88
N GLY A 36 21.62 44.98 -21.04
CA GLY A 36 22.41 45.34 -19.90
C GLY A 36 21.68 46.18 -18.87
N ASP A 37 20.34 46.10 -18.82
CA ASP A 37 19.49 46.78 -17.82
C ASP A 37 18.75 45.80 -16.88
N ASN A 38 19.22 44.55 -16.81
CA ASN A 38 18.59 43.51 -15.98
C ASN A 38 17.14 43.21 -16.29
N THR A 39 16.73 43.38 -17.56
CA THR A 39 15.39 42.96 -18.04
C THR A 39 15.34 41.68 -18.91
N GLY A 40 16.49 41.11 -19.22
CA GLY A 40 16.54 39.96 -20.10
C GLY A 40 15.94 38.70 -19.53
N ALA A 41 15.77 37.70 -20.39
CA ALA A 41 15.13 36.43 -20.04
C ALA A 41 16.04 35.60 -19.16
N LEU A 42 15.43 34.81 -18.29
CA LEU A 42 16.15 33.84 -17.45
C LEU A 42 16.29 32.50 -18.21
N VAL A 43 17.45 31.84 -18.05
CA VAL A 43 17.76 30.60 -18.69
C VAL A 43 18.59 29.76 -17.72
N ALA A 44 18.65 28.47 -18.02
CA ALA A 44 19.47 27.50 -17.27
C ALA A 44 20.64 27.22 -18.10
N VAL A 45 21.84 27.30 -17.52
CA VAL A 45 23.07 27.23 -18.34
C VAL A 45 23.96 26.18 -17.67
N LYS A 46 24.27 25.12 -18.41
CA LYS A 46 25.23 24.19 -18.00
C LYS A 46 26.66 24.54 -18.50
N GLN A 47 27.63 24.33 -17.60
CA GLN A 47 29.05 24.45 -17.91
C GLN A 47 29.83 23.38 -17.13
N LEU A 48 31.04 23.07 -17.58
CA LEU A 48 31.85 22.06 -16.89
C LEU A 48 32.84 22.62 -15.87
N GLN A 49 33.07 21.86 -14.79
CA GLN A 49 34.28 22.03 -13.98
C GLN A 49 34.99 20.68 -13.80
N HIS A 50 36.25 20.75 -13.37
CA HIS A 50 37.08 19.54 -13.11
C HIS A 50 36.98 18.57 -14.31
N SER A 51 37.16 19.09 -15.50
CA SER A 51 36.90 18.33 -16.70
C SER A 51 38.15 18.18 -17.55
N GLY A 52 38.41 16.97 -17.99
CA GLY A 52 39.36 16.68 -19.03
C GLY A 52 38.64 16.41 -20.33
N PRO A 53 39.37 15.97 -21.37
CA PRO A 53 38.82 15.70 -22.70
C PRO A 53 37.54 14.84 -22.71
N ASP A 54 37.55 13.72 -21.96
CA ASP A 54 36.36 12.86 -21.92
C ASP A 54 35.08 13.62 -21.52
N GLN A 55 35.18 14.46 -20.50
CA GLN A 55 34.03 15.18 -20.00
C GLN A 55 33.61 16.22 -21.04
N GLN A 56 34.58 16.92 -21.66
CA GLN A 56 34.30 17.87 -22.76
C GLN A 56 33.67 17.16 -23.93
N ARG A 57 34.18 15.99 -24.29
CA ARG A 57 33.63 15.19 -25.33
C ARG A 57 32.24 14.73 -25.02
N ASP A 58 31.99 14.28 -23.79
CA ASP A 58 30.59 13.91 -23.40
C ASP A 58 29.67 15.12 -23.41
N PHE A 59 30.22 16.29 -23.11
CA PHE A 59 29.36 17.52 -23.05
C PHE A 59 28.87 17.93 -24.46
N GLN A 60 29.79 17.90 -25.43
CA GLN A 60 29.45 18.14 -26.83
C GLN A 60 28.35 17.19 -27.33
N ARG A 61 28.43 15.93 -26.92
CA ARG A 61 27.40 14.94 -27.24
C ARG A 61 26.08 15.36 -26.58
N GLU A 62 26.14 15.69 -25.30
CA GLU A 62 24.93 16.18 -24.62
C GLU A 62 24.22 17.33 -25.33
N ILE A 63 25.02 18.24 -25.88
CA ILE A 63 24.50 19.43 -26.59
C ILE A 63 23.81 18.97 -27.87
N GLN A 64 24.42 18.08 -28.59
CA GLN A 64 23.88 17.68 -29.89
C GLN A 64 22.63 16.84 -29.66
N ILE A 65 22.66 15.98 -28.65
CA ILE A 65 21.45 15.22 -28.30
C ILE A 65 20.31 16.15 -28.02
N LEU A 66 20.43 17.01 -27.02
CA LEU A 66 19.27 17.76 -26.53
C LEU A 66 18.72 18.69 -27.62
N LYS A 67 19.64 19.25 -28.43
CA LYS A 67 19.32 20.14 -29.51
C LYS A 67 18.41 19.51 -30.55
N ALA A 68 18.57 18.20 -30.73
CA ALA A 68 17.77 17.45 -31.68
C ALA A 68 16.46 16.94 -31.13
N LEU A 69 16.20 17.06 -29.83
CA LEU A 69 14.93 16.54 -29.26
C LEU A 69 13.84 17.62 -29.24
N HIS A 70 12.66 17.30 -29.71
CA HIS A 70 11.57 18.25 -29.72
C HIS A 70 10.35 17.55 -29.17
N SER A 71 10.28 17.47 -27.86
CA SER A 71 9.14 16.84 -27.19
C SER A 71 8.67 17.76 -26.11
N ASP A 72 7.36 17.68 -25.85
CA ASP A 72 6.75 18.39 -24.76
C ASP A 72 7.21 17.90 -23.39
N PHE A 73 7.77 16.69 -23.33
CA PHE A 73 8.17 16.08 -22.08
C PHE A 73 9.67 15.94 -21.94
N ILE A 74 10.42 16.77 -22.71
CA ILE A 74 11.85 16.86 -22.62
C ILE A 74 12.22 18.34 -22.53
N VAL A 75 13.09 18.67 -21.55
CA VAL A 75 13.51 20.04 -21.31
C VAL A 75 14.09 20.65 -22.62
N LYS A 76 13.79 21.91 -22.88
CA LYS A 76 14.02 22.56 -24.16
C LYS A 76 15.42 23.15 -24.28
N TYR A 77 16.10 22.78 -25.34
CA TYR A 77 17.37 23.36 -25.73
C TYR A 77 17.12 24.75 -26.22
N ARG A 78 17.92 25.72 -25.80
CA ARG A 78 17.85 27.09 -26.36
CA ARG A 78 17.85 27.09 -26.36
C ARG A 78 19.06 27.50 -27.22
N GLY A 79 20.25 27.07 -26.85
CA GLY A 79 21.45 27.51 -27.57
C GLY A 79 22.71 27.18 -26.83
N VAL A 80 23.81 27.73 -27.35
CA VAL A 80 25.09 27.62 -26.69
C VAL A 80 25.71 29.00 -26.53
N SER A 81 26.71 29.03 -25.68
CA SER A 81 27.62 30.14 -25.55
C SER A 81 29.07 29.64 -25.52
N TYR A 82 29.99 30.56 -25.76
CA TYR A 82 31.44 30.26 -25.76
C TYR A 82 32.29 31.54 -25.68
N GLY A 83 33.58 31.37 -25.48
CA GLY A 83 34.51 32.51 -25.44
C GLY A 83 35.92 31.98 -25.53
N PRO A 84 36.93 32.87 -25.44
CA PRO A 84 38.36 32.49 -25.46
C PRO A 84 38.74 31.35 -24.48
N GLY A 85 38.15 31.41 -23.27
CA GLY A 85 38.27 30.39 -22.21
C GLY A 85 38.34 28.91 -22.60
N ARG A 86 39.17 28.15 -21.91
CA ARG A 86 39.35 26.71 -22.15
C ARG A 86 38.07 25.87 -21.93
N GLN A 87 37.44 26.06 -20.78
CA GLN A 87 36.19 25.35 -20.39
C GLN A 87 34.97 26.26 -20.58
N SER A 88 35.01 27.17 -21.56
CA SER A 88 33.99 28.23 -21.74
C SER A 88 32.71 27.83 -22.50
N LEU A 89 32.64 26.62 -23.06
CA LEU A 89 31.45 26.13 -23.77
C LEU A 89 30.28 25.95 -22.78
N ARG A 90 29.11 26.48 -23.12
CA ARG A 90 27.97 26.41 -22.25
C ARG A 90 26.80 25.94 -23.05
N LEU A 91 25.87 25.27 -22.38
CA LEU A 91 24.62 24.83 -22.96
C LEU A 91 23.56 25.66 -22.30
N VAL A 92 22.79 26.32 -23.11
CA VAL A 92 21.72 27.18 -22.67
C VAL A 92 20.38 26.43 -22.86
N MET A 93 19.68 26.22 -21.75
CA MET A 93 18.33 25.61 -21.74
C MET A 93 17.24 26.51 -21.17
N GLU A 94 15.98 26.15 -21.44
CA GLU A 94 14.89 26.80 -20.70
C GLU A 94 15.06 26.62 -19.17
N TYR A 95 14.60 27.63 -18.44
CA TYR A 95 14.55 27.59 -17.02
C TYR A 95 13.14 27.30 -16.57
N LEU A 96 12.97 26.26 -15.77
CA LEU A 96 11.66 25.93 -15.13
C LEU A 96 11.66 26.23 -13.59
N PRO A 97 11.05 27.35 -13.19
CA PRO A 97 11.25 27.81 -11.86
C PRO A 97 10.55 26.93 -10.82
N SER A 98 9.64 26.04 -11.20
CA SER A 98 8.99 25.15 -10.18
C SER A 98 9.91 24.00 -9.76
N GLY A 99 11.05 23.89 -10.42
CA GLY A 99 12.06 22.93 -9.94
C GLY A 99 11.76 21.48 -10.25
N CYS A 100 12.40 20.58 -9.50
CA CYS A 100 12.35 19.19 -9.85
C CYS A 100 11.18 18.48 -9.14
N LEU A 101 10.74 17.42 -9.77
CA LEU A 101 9.59 16.62 -9.27
C LEU A 101 9.80 16.03 -7.91
N ARG A 102 11.04 15.59 -7.63
CA ARG A 102 11.38 15.07 -6.30
C ARG A 102 11.05 16.06 -5.21
N ASP A 103 11.52 17.29 -5.38
CA ASP A 103 11.17 18.35 -4.38
C ASP A 103 9.71 18.67 -4.38
N PHE A 104 9.09 18.74 -5.56
CA PHE A 104 7.68 19.11 -5.69
C PHE A 104 6.79 18.09 -4.96
N LEU A 105 7.11 16.82 -5.11
CA LEU A 105 6.33 15.72 -4.45
C LEU A 105 6.47 15.76 -2.91
N GLN A 106 7.69 15.99 -2.45
CA GLN A 106 7.92 16.18 -1.04
C GLN A 106 7.18 17.41 -0.50
N ARG A 107 7.25 18.52 -1.19
CA ARG A 107 6.54 19.73 -0.73
C ARG A 107 4.99 19.58 -0.76
N HIS A 108 4.43 19.07 -1.84
CA HIS A 108 2.95 19.11 -2.07
C HIS A 108 2.22 17.81 -1.89
N ARG A 109 2.89 16.86 -1.29
CA ARG A 109 2.41 15.53 -1.09
C ARG A 109 0.92 15.47 -0.73
N ALA A 110 0.54 16.26 0.26
CA ALA A 110 -0.80 16.21 0.82
C ALA A 110 -1.89 16.46 -0.24
N ARG A 111 -1.56 17.25 -1.27
CA ARG A 111 -2.53 17.61 -2.30
C ARG A 111 -2.37 16.95 -3.67
N LEU A 112 -1.62 15.86 -3.73
CA LEU A 112 -1.44 15.16 -4.98
C LEU A 112 -1.98 13.77 -4.85
N ASP A 113 -3.03 13.48 -5.62
CA ASP A 113 -3.68 12.18 -5.53
C ASP A 113 -3.10 11.23 -6.52
N ALA A 114 -3.54 9.96 -6.46
CA ALA A 114 -2.98 8.91 -7.31
C ALA A 114 -3.20 9.18 -8.80
N SER A 115 -4.31 9.90 -9.10
CA SER A 115 -4.63 10.31 -10.45
C SER A 115 -3.56 11.28 -11.06
N ARG A 116 -3.11 12.25 -10.27
CA ARG A 116 -2.05 13.15 -10.72
C ARG A 116 -0.68 12.41 -10.87
N LEU A 117 -0.36 11.51 -9.94
CA LEU A 117 0.88 10.73 -10.00
C LEU A 117 0.86 9.84 -11.24
N LEU A 118 -0.29 9.26 -11.53
CA LEU A 118 -0.52 8.58 -12.79
C LEU A 118 -0.27 9.46 -14.02
N LEU A 119 -0.78 10.67 -14.00
CA LEU A 119 -0.50 11.65 -15.04
C LEU A 119 1.00 11.93 -15.26
N TYR A 120 1.74 12.21 -14.19
CA TYR A 120 3.19 12.37 -14.28
C TYR A 120 3.85 11.11 -14.86
N SER A 121 3.42 9.95 -14.43
CA SER A 121 3.95 8.65 -14.91
C SER A 121 3.75 8.49 -16.38
N SER A 122 2.55 8.84 -16.81
CA SER A 122 2.23 8.77 -18.23
C SER A 122 3.16 9.72 -19.07
N GLN A 123 3.42 10.93 -18.57
CA GLN A 123 4.23 11.94 -19.29
C GLN A 123 5.69 11.60 -19.39
N ILE A 124 6.24 11.13 -18.28
CA ILE A 124 7.58 10.62 -18.25
C ILE A 124 7.75 9.45 -19.23
N CYS A 125 6.77 8.53 -19.22
CA CYS A 125 6.76 7.39 -20.12
C CYS A 125 6.80 7.83 -21.58
N LYS A 126 5.99 8.85 -21.97
CA LYS A 126 5.95 9.35 -23.35
C LYS A 126 7.28 10.04 -23.75
N GLY A 127 7.87 10.80 -22.83
CA GLY A 127 9.16 11.36 -23.15
C GLY A 127 10.21 10.25 -23.34
N MET A 128 10.06 9.17 -22.58
CA MET A 128 11.00 8.02 -22.68
C MET A 128 10.73 7.25 -23.98
N GLU A 129 9.46 7.15 -24.37
CA GLU A 129 9.16 6.56 -25.69
C GLU A 129 9.86 7.41 -26.76
N TYR A 130 9.77 8.73 -26.65
CA TYR A 130 10.35 9.65 -27.64
C TYR A 130 11.85 9.46 -27.73
N LEU A 131 12.55 9.40 -26.56
CA LEU A 131 13.96 9.04 -26.52
C LEU A 131 14.28 7.72 -27.19
N GLY A 132 13.50 6.69 -26.87
CA GLY A 132 13.65 5.37 -27.45
C GLY A 132 13.62 5.37 -28.96
N SER A 133 12.66 6.09 -29.56
CA SER A 133 12.55 6.20 -31.00
C SER A 133 13.75 6.92 -31.63
N ARG A 134 14.49 7.70 -30.84
CA ARG A 134 15.76 8.31 -31.30
C ARG A 134 16.97 7.47 -30.86
N ARG A 135 16.69 6.29 -30.30
CA ARG A 135 17.72 5.33 -29.87
C ARG A 135 18.65 5.92 -28.79
N CYS A 136 18.08 6.78 -27.94
CA CYS A 136 18.84 7.44 -26.92
C CYS A 136 18.59 6.72 -25.61
N VAL A 137 19.68 6.38 -24.91
CA VAL A 137 19.56 5.81 -23.60
C VAL A 137 19.90 6.99 -22.64
N HIS A 138 18.99 7.21 -21.72
CA HIS A 138 19.04 8.38 -20.85
C HIS A 138 20.05 8.17 -19.69
N ARG A 139 19.93 7.06 -18.97
CA ARG A 139 20.86 6.66 -17.88
C ARG A 139 20.78 7.38 -16.52
N ALA A 140 19.96 8.40 -16.40
CA ALA A 140 19.89 9.14 -15.17
C ALA A 140 18.43 9.37 -14.80
N LEU A 141 17.57 8.47 -15.17
CA LEU A 141 16.15 8.72 -15.05
C LEU A 141 15.82 8.55 -13.55
N ALA A 142 15.49 9.66 -12.94
CA ALA A 142 15.14 9.71 -11.52
C ALA A 142 14.31 10.97 -11.31
N ALA A 143 13.46 10.95 -10.29
CA ALA A 143 12.67 12.12 -9.92
C ALA A 143 13.40 13.46 -9.79
N ARG A 144 14.59 13.42 -9.28
CA ARG A 144 15.42 14.64 -9.12
C ARG A 144 15.82 15.29 -10.44
N ASN A 145 15.71 14.56 -11.54
CA ASN A 145 16.09 15.01 -12.91
C ASN A 145 14.86 15.24 -13.80
N ILE A 146 13.66 15.10 -13.24
CA ILE A 146 12.44 15.44 -13.91
C ILE A 146 12.03 16.85 -13.41
N LEU A 147 11.68 17.72 -14.32
CA LEU A 147 11.31 19.10 -13.95
C LEU A 147 9.81 19.27 -14.01
N VAL A 148 9.36 20.26 -13.25
CA VAL A 148 7.94 20.63 -13.24
C VAL A 148 7.77 21.88 -14.04
N GLU A 149 7.02 21.76 -15.12
CA GLU A 149 6.64 22.87 -15.98
C GLU A 149 5.43 23.50 -15.43
N SER A 150 4.48 22.71 -14.94
CA SER A 150 3.30 23.26 -14.24
C SER A 150 2.80 22.12 -13.40
N GLU A 151 1.76 22.37 -12.62
CA GLU A 151 1.26 21.29 -11.77
C GLU A 151 0.84 20.00 -12.50
N ALA A 152 0.46 20.10 -13.76
CA ALA A 152 0.04 18.95 -14.62
C ALA A 152 0.96 18.71 -15.81
N HIS A 153 2.22 19.06 -15.68
CA HIS A 153 3.13 18.95 -16.84
C HIS A 153 4.57 18.80 -16.36
N VAL A 154 5.15 17.64 -16.65
CA VAL A 154 6.57 17.36 -16.26
C VAL A 154 7.41 17.10 -17.50
N LYS A 155 8.69 17.24 -17.31
CA LYS A 155 9.69 17.23 -18.43
C LYS A 155 10.96 16.57 -17.95
N ILE A 156 11.53 15.67 -18.75
CA ILE A 156 12.75 14.99 -18.39
C ILE A 156 13.94 15.94 -18.70
N ALA A 157 14.87 16.01 -17.73
CA ALA A 157 16.05 16.78 -17.81
C ALA A 157 17.30 15.89 -17.51
N ASP A 158 18.43 16.52 -17.22
CA ASP A 158 19.76 15.91 -17.00
C ASP A 158 20.10 14.85 -18.04
N PHE A 159 20.64 15.37 -19.16
CA PHE A 159 21.08 14.53 -20.23
C PHE A 159 22.58 14.31 -20.13
N GLY A 160 23.16 14.53 -18.94
CA GLY A 160 24.64 14.44 -18.81
C GLY A 160 25.25 13.07 -19.14
N LEU A 161 24.49 12.02 -18.91
CA LEU A 161 24.90 10.69 -19.12
C LEU A 161 24.24 10.06 -20.30
N ALA A 162 23.35 10.77 -21.01
CA ALA A 162 22.69 10.20 -22.15
C ALA A 162 23.67 9.80 -23.30
N LYS A 163 23.30 8.77 -24.05
CA LYS A 163 24.15 8.24 -25.10
C LYS A 163 23.26 7.60 -26.15
N LEU A 164 23.71 7.73 -27.40
CA LEU A 164 23.00 7.12 -28.50
C LEU A 164 23.45 5.68 -28.71
N LEU A 165 22.50 4.78 -28.99
CA LEU A 165 22.83 3.43 -29.38
C LEU A 165 23.50 3.44 -30.75
N PRO A 166 24.43 2.52 -30.98
CA PRO A 166 24.87 2.34 -32.37
C PRO A 166 23.68 1.95 -33.28
N LEU A 167 23.81 2.22 -34.56
CA LEU A 167 22.76 1.81 -35.49
C LEU A 167 22.57 0.28 -35.60
N ASP A 168 23.56 -0.52 -35.21
CA ASP A 168 23.49 -1.98 -35.37
C ASP A 168 23.44 -2.82 -34.08
N LYS A 169 23.47 -2.19 -32.90
CA LYS A 169 23.20 -2.88 -31.61
C LYS A 169 22.15 -2.14 -30.80
N ASP A 170 21.42 -2.90 -29.97
CA ASP A 170 20.43 -2.35 -29.07
C ASP A 170 20.93 -2.15 -27.61
N TYR A 171 22.24 -2.10 -27.42
CA TYR A 171 22.82 -1.78 -26.11
C TYR A 171 24.18 -1.14 -26.34
N TYR A 172 24.76 -0.54 -25.30
CA TYR A 172 26.16 -0.21 -25.33
C TYR A 172 26.73 -0.46 -23.98
N VAL A 173 28.05 -0.47 -23.94
CA VAL A 173 28.77 -0.83 -22.74
C VAL A 173 29.65 0.32 -22.38
N VAL A 174 29.72 0.62 -21.10
CA VAL A 174 30.68 1.65 -20.63
C VAL A 174 31.87 1.03 -19.93
N ARG A 175 32.99 1.75 -19.90
CA ARG A 175 34.23 1.19 -19.33
C ARG A 175 34.10 0.74 -17.85
N GLN A 179 30.20 7.87 -10.70
CA GLN A 179 29.33 7.54 -9.58
C GLN A 179 27.93 7.34 -10.10
N SER A 180 27.42 6.11 -9.98
CA SER A 180 26.06 5.74 -10.40
C SER A 180 25.09 5.67 -9.19
N PRO A 181 23.83 6.09 -9.39
CA PRO A 181 22.78 5.95 -8.37
C PRO A 181 22.36 4.49 -8.33
N ILE A 182 22.99 3.70 -7.45
CA ILE A 182 22.89 2.25 -7.60
C ILE A 182 21.47 1.71 -7.49
N PHE A 183 20.63 2.35 -6.70
CA PHE A 183 19.29 1.81 -6.45
C PHE A 183 18.32 2.11 -7.58
N TRP A 184 18.78 2.85 -8.62
CA TRP A 184 17.94 3.11 -9.81
C TRP A 184 18.35 2.28 -11.02
N TYR A 185 19.46 1.53 -10.90
CA TYR A 185 20.13 0.87 -12.04
C TYR A 185 19.76 -0.59 -12.20
N ALA A 186 19.61 -1.01 -13.47
CA ALA A 186 19.32 -2.41 -13.78
C ALA A 186 20.49 -3.29 -13.39
N PRO A 187 20.23 -4.54 -13.00
CA PRO A 187 21.35 -5.41 -12.53
C PRO A 187 22.42 -5.65 -13.57
N GLU A 188 22.08 -5.80 -14.83
CA GLU A 188 23.11 -5.90 -15.91
C GLU A 188 23.94 -4.67 -16.06
N SER A 189 23.42 -3.51 -15.73
CA SER A 189 24.18 -2.25 -15.78
C SER A 189 25.17 -2.19 -14.60
N LEU A 190 24.74 -2.59 -13.41
CA LEU A 190 25.62 -2.63 -12.22
C LEU A 190 26.68 -3.67 -12.30
N SER A 191 26.32 -4.84 -12.81
CA SER A 191 27.21 -6.00 -12.95
C SER A 191 28.16 -5.89 -14.10
N ASP A 192 27.61 -5.57 -15.27
CA ASP A 192 28.39 -5.64 -16.49
C ASP A 192 28.46 -4.40 -17.31
N ASN A 193 28.01 -3.26 -16.75
CA ASN A 193 28.06 -2.00 -17.45
C ASN A 193 27.32 -2.03 -18.81
N ILE A 194 26.27 -2.83 -18.88
CA ILE A 194 25.45 -2.88 -20.10
C ILE A 194 24.28 -1.91 -19.92
N PHE A 195 24.15 -1.01 -20.87
CA PHE A 195 23.01 -0.08 -20.92
C PHE A 195 22.17 -0.22 -22.18
N SER A 196 20.87 0.01 -22.04
CA SER A 196 19.89 -0.15 -23.10
C SER A 196 18.62 0.59 -22.74
N ARG A 197 17.71 0.63 -23.69
CA ARG A 197 16.40 1.19 -23.45
C ARG A 197 15.68 0.36 -22.34
N GLN A 198 16.00 -0.93 -22.29
CA GLN A 198 15.41 -1.86 -21.30
CA GLN A 198 15.41 -1.84 -21.29
C GLN A 198 16.03 -1.62 -19.90
N SER A 199 17.25 -1.07 -19.82
CA SER A 199 17.85 -0.69 -18.53
C SER A 199 17.22 0.62 -18.09
N ASP A 200 16.84 1.50 -19.03
CA ASP A 200 16.03 2.70 -18.68
C ASP A 200 14.62 2.29 -18.19
N VAL A 201 14.03 1.19 -18.70
CA VAL A 201 12.73 0.64 -18.19
C VAL A 201 12.88 0.27 -16.72
N TRP A 202 13.98 -0.38 -16.36
CA TRP A 202 14.17 -0.69 -14.99
C TRP A 202 14.12 0.58 -14.11
N SER A 203 14.91 1.60 -14.49
CA SER A 203 14.93 2.87 -13.79
C SER A 203 13.59 3.50 -13.68
N PHE A 204 12.80 3.47 -14.76
CA PHE A 204 11.42 3.96 -14.77
C PHE A 204 10.56 3.29 -13.68
N GLY A 205 10.75 2.00 -13.45
CA GLY A 205 10.09 1.27 -12.36
C GLY A 205 10.45 1.89 -11.00
N VAL A 206 11.72 2.32 -10.83
CA VAL A 206 12.12 2.93 -9.57
C VAL A 206 11.51 4.35 -9.49
N VAL A 207 11.38 5.01 -10.65
CA VAL A 207 10.68 6.27 -10.75
C VAL A 207 9.20 6.14 -10.33
N LEU A 208 8.53 5.08 -10.78
CA LEU A 208 7.19 4.82 -10.30
C LEU A 208 7.21 4.73 -8.79
N TYR A 209 8.15 3.94 -8.27
CA TYR A 209 8.30 3.79 -6.85
C TYR A 209 8.40 5.13 -6.10
N GLU A 210 9.26 5.99 -6.60
CA GLU A 210 9.39 7.32 -6.11
C GLU A 210 8.14 8.18 -6.11
N LEU A 211 7.47 8.20 -7.27
CA LEU A 211 6.23 8.94 -7.40
C LEU A 211 5.21 8.44 -6.32
N PHE A 212 5.05 7.13 -6.21
CA PHE A 212 3.97 6.59 -5.35
C PHE A 212 4.36 6.43 -3.89
N THR A 213 5.62 6.72 -3.56
CA THR A 213 6.02 7.03 -2.20
C THR A 213 6.15 8.54 -1.94
N TYR A 214 5.82 9.39 -2.91
CA TYR A 214 6.05 10.83 -2.85
C TYR A 214 7.46 11.24 -2.47
N CYS A 215 8.44 10.41 -2.90
CA CYS A 215 9.85 10.61 -2.60
C CYS A 215 10.09 10.80 -1.12
N ASP A 216 9.22 10.18 -0.28
CA ASP A 216 9.39 10.27 1.11
C ASP A 216 10.70 9.60 1.55
N LYS A 217 11.48 10.28 2.37
CA LYS A 217 12.83 9.79 2.70
C LYS A 217 12.84 8.52 3.55
N SER A 218 11.79 8.32 4.33
CA SER A 218 11.71 7.11 5.16
C SER A 218 11.39 5.83 4.37
N CYS A 219 10.81 6.00 3.18
CA CYS A 219 10.45 4.94 2.23
C CYS A 219 11.39 4.87 1.03
N SER A 220 12.50 5.61 1.05
CA SER A 220 13.37 5.70 -0.14
C SER A 220 13.96 4.33 -0.49
N PRO A 221 14.46 4.21 -1.73
CA PRO A 221 15.08 2.95 -2.09
C PRO A 221 16.21 2.60 -1.13
N SER A 222 17.01 3.58 -0.75
CA SER A 222 18.12 3.33 0.16
C SER A 222 17.63 2.96 1.55
N ALA A 223 16.56 3.57 2.03
CA ALA A 223 16.03 3.19 3.36
C ALA A 223 15.50 1.75 3.38
N GLU A 224 14.85 1.34 2.27
CA GLU A 224 14.30 -0.02 2.17
C GLU A 224 15.40 -1.03 2.09
N PHE A 225 16.45 -0.67 1.37
CA PHE A 225 17.62 -1.49 1.30
C PHE A 225 18.19 -1.72 2.70
N LEU A 226 18.35 -0.64 3.47
CA LEU A 226 18.87 -0.77 4.84
C LEU A 226 17.95 -1.67 5.70
N ARG A 227 16.65 -1.58 5.49
CA ARG A 227 15.65 -2.46 6.15
C ARG A 227 15.78 -3.94 5.73
N MET A 228 15.98 -4.16 4.43
CA MET A 228 16.06 -5.52 3.88
C MET A 228 17.42 -6.10 4.08
N MET A 229 18.35 -5.31 4.57
CA MET A 229 19.72 -5.66 4.41
C MET A 229 19.97 -6.92 5.22
N GLY A 230 19.26 -7.04 6.32
CA GLY A 230 19.54 -8.09 7.26
C GLY A 230 20.51 -7.50 8.24
N SER A 231 21.11 -8.39 9.02
CA SER A 231 21.87 -8.00 10.19
C SER A 231 23.33 -7.64 9.96
N GLU A 232 23.86 -7.95 8.78
CA GLU A 232 25.25 -7.76 8.48
C GLU A 232 25.28 -6.41 7.81
N ARG A 233 25.54 -5.39 8.62
CA ARG A 233 25.51 -4.03 8.14
C ARG A 233 26.82 -3.57 7.52
N ASP A 234 27.82 -4.42 7.48
CA ASP A 234 29.09 -4.02 6.81
C ASP A 234 29.31 -4.78 5.52
N VAL A 235 28.23 -5.18 4.87
CA VAL A 235 28.31 -5.78 3.56
C VAL A 235 28.20 -4.60 2.59
N PRO A 236 29.16 -4.47 1.67
CA PRO A 236 29.11 -3.37 0.69
C PRO A 236 27.77 -3.38 -0.05
N ALA A 237 27.15 -2.22 -0.16
CA ALA A 237 25.77 -2.10 -0.62
C ALA A 237 25.57 -2.75 -1.96
N LEU A 238 26.44 -2.42 -2.91
CA LEU A 238 26.26 -2.90 -4.24
C LEU A 238 26.30 -4.42 -4.29
N SER A 239 27.24 -5.02 -3.56
CA SER A 239 27.38 -6.46 -3.55
C SER A 239 26.09 -7.11 -2.97
N ARG A 240 25.62 -6.57 -1.87
CA ARG A 240 24.42 -7.15 -1.25
C ARG A 240 23.13 -6.86 -2.08
N LEU A 241 23.12 -5.73 -2.75
CA LEU A 241 21.95 -5.38 -3.58
C LEU A 241 21.88 -6.36 -4.73
N LEU A 242 23.04 -6.62 -5.37
CA LEU A 242 23.06 -7.62 -6.47
C LEU A 242 22.58 -9.01 -6.02
N GLU A 243 22.94 -9.44 -4.83
CA GLU A 243 22.42 -10.73 -4.27
C GLU A 243 20.94 -10.67 -4.10
N LEU A 244 20.48 -9.59 -3.53
CA LEU A 244 19.06 -9.48 -3.17
C LEU A 244 18.22 -9.47 -4.43
N LEU A 245 18.70 -8.79 -5.47
CA LEU A 245 18.00 -8.74 -6.73
C LEU A 245 18.05 -10.12 -7.44
N GLU A 246 19.18 -10.79 -7.35
CA GLU A 246 19.29 -12.12 -7.90
C GLU A 246 18.33 -13.13 -7.20
N GLU A 247 18.13 -12.99 -5.90
CA GLU A 247 17.13 -13.81 -5.15
C GLU A 247 15.65 -13.49 -5.40
N GLY A 248 15.36 -12.49 -6.23
CA GLY A 248 13.97 -12.15 -6.48
C GLY A 248 13.37 -11.09 -5.54
N GLN A 249 14.15 -10.53 -4.62
CA GLN A 249 13.65 -9.46 -3.76
C GLN A 249 13.49 -8.17 -4.55
N ARG A 250 12.42 -7.46 -4.28
CA ARG A 250 12.17 -6.18 -4.93
C ARG A 250 11.69 -5.20 -3.91
N LEU A 251 11.66 -3.95 -4.30
CA LEU A 251 11.03 -2.92 -3.45
C LEU A 251 9.54 -3.28 -3.17
N PRO A 252 9.05 -3.05 -1.97
CA PRO A 252 7.65 -3.39 -1.69
C PRO A 252 6.67 -2.34 -2.28
N ALA A 253 5.41 -2.75 -2.41
CA ALA A 253 4.36 -1.90 -2.90
C ALA A 253 4.16 -0.74 -1.92
N PRO A 254 4.28 0.52 -2.40
CA PRO A 254 3.87 1.61 -1.52
C PRO A 254 2.38 1.57 -1.16
N PRO A 255 2.00 2.14 0.00
CA PRO A 255 0.54 2.31 0.32
C PRO A 255 -0.30 3.03 -0.76
N ALA A 256 0.26 4.08 -1.37
CA ALA A 256 -0.45 4.85 -2.43
C ALA A 256 -0.57 4.12 -3.74
N CYS A 257 0.09 2.98 -3.83
CA CYS A 257 0.16 2.30 -5.05
C CYS A 257 -1.08 1.49 -5.33
N PRO A 258 -1.82 1.79 -6.41
CA PRO A 258 -2.77 0.79 -6.94
C PRO A 258 -2.05 -0.48 -7.38
N ALA A 259 -2.74 -1.59 -7.19
CA ALA A 259 -2.24 -2.93 -7.53
C ALA A 259 -1.69 -3.00 -8.95
N GLU A 260 -2.38 -2.37 -9.88
CA GLU A 260 -2.00 -2.39 -11.29
C GLU A 260 -0.61 -1.72 -11.54
N VAL A 261 -0.36 -0.61 -10.82
CA VAL A 261 0.90 0.10 -10.87
C VAL A 261 2.02 -0.73 -10.19
N HIS A 262 1.67 -1.43 -9.11
CA HIS A 262 2.65 -2.29 -8.52
C HIS A 262 3.03 -3.43 -9.47
N GLU A 263 2.05 -3.95 -10.17
CA GLU A 263 2.27 -4.97 -11.18
C GLU A 263 3.23 -4.46 -12.28
N LEU A 264 2.99 -3.27 -12.81
CA LEU A 264 3.91 -2.66 -13.81
C LEU A 264 5.30 -2.42 -13.28
N MET A 265 5.42 -2.03 -12.00
CA MET A 265 6.75 -1.95 -11.39
C MET A 265 7.48 -3.28 -11.44
N LYS A 266 6.84 -4.35 -10.96
CA LYS A 266 7.44 -5.65 -10.96
C LYS A 266 7.84 -6.11 -12.36
N LEU A 267 7.03 -5.81 -13.37
CA LEU A 267 7.39 -6.13 -14.77
C LEU A 267 8.62 -5.34 -15.30
N CYS A 268 8.76 -4.09 -14.88
CA CYS A 268 9.90 -3.23 -15.18
C CYS A 268 11.14 -3.80 -14.54
N TRP A 269 10.96 -4.56 -13.47
CA TRP A 269 12.07 -5.17 -12.78
C TRP A 269 12.25 -6.64 -13.04
N ALA A 270 11.73 -7.12 -14.17
CA ALA A 270 12.03 -8.51 -14.59
C ALA A 270 13.53 -8.71 -14.72
N PRO A 271 14.03 -9.89 -14.27
CA PRO A 271 15.48 -10.14 -14.29
C PRO A 271 16.11 -9.98 -15.65
N SER A 272 15.48 -10.58 -16.66
CA SER A 272 15.96 -10.46 -18.04
C SER A 272 15.49 -9.16 -18.70
N PRO A 273 16.41 -8.40 -19.34
CA PRO A 273 15.98 -7.18 -20.00
C PRO A 273 14.89 -7.41 -21.00
N GLN A 274 14.98 -8.54 -21.68
CA GLN A 274 14.04 -8.85 -22.73
C GLN A 274 12.68 -9.24 -22.20
N ASP A 275 12.57 -9.59 -20.92
CA ASP A 275 11.24 -9.81 -20.33
C ASP A 275 10.58 -8.53 -19.84
N ARG A 276 11.29 -7.40 -19.90
CA ARG A 276 10.71 -6.14 -19.41
C ARG A 276 9.84 -5.51 -20.49
N PRO A 277 8.73 -4.91 -20.13
CA PRO A 277 7.92 -4.24 -21.18
C PRO A 277 8.64 -3.03 -21.79
N SER A 278 8.32 -2.67 -23.01
CA SER A 278 8.89 -1.43 -23.58
C SER A 278 8.07 -0.25 -23.03
N PHE A 279 8.60 0.95 -23.18
CA PHE A 279 7.85 2.13 -22.81
C PHE A 279 6.57 2.22 -23.64
N SER A 280 6.62 1.78 -24.90
CA SER A 280 5.42 1.73 -25.74
C SER A 280 4.30 0.83 -25.19
N ALA A 281 4.65 -0.22 -24.45
CA ALA A 281 3.67 -1.15 -23.85
C ALA A 281 3.22 -0.67 -22.51
N LEU A 282 4.11 -0.03 -21.76
CA LEU A 282 3.75 0.61 -20.51
C LEU A 282 2.79 1.79 -20.63
N GLY A 283 3.06 2.70 -21.58
CA GLY A 283 2.30 3.95 -21.74
C GLY A 283 0.77 3.75 -21.76
N PRO A 284 0.26 2.85 -22.63
CA PRO A 284 -1.18 2.64 -22.73
C PRO A 284 -1.79 2.12 -21.44
N GLN A 285 -1.00 1.35 -20.67
CA GLN A 285 -1.47 0.88 -19.37
C GLN A 285 -1.57 2.06 -18.43
N LEU A 286 -0.55 2.92 -18.39
CA LEU A 286 -0.59 4.09 -17.46
C LEU A 286 -1.74 5.04 -17.85
N ASP A 287 -1.93 5.20 -19.15
CA ASP A 287 -3.08 5.96 -19.68
C ASP A 287 -4.45 5.41 -19.33
N MET A 288 -4.64 4.10 -19.46
CA MET A 288 -5.90 3.48 -18.98
C MET A 288 -6.18 3.87 -17.52
N LEU A 289 -5.16 3.73 -16.69
CA LEU A 289 -5.27 4.00 -15.26
C LEU A 289 -5.50 5.48 -15.00
N TRP A 290 -4.68 6.33 -15.61
CA TRP A 290 -4.81 7.80 -15.43
C TRP A 290 -6.15 8.25 -15.95
N SER A 291 -6.37 8.09 -17.26
CA SER A 291 -7.62 8.56 -17.87
C SER A 291 -8.84 7.93 -17.21
N GLY A 292 -8.72 6.68 -16.76
CA GLY A 292 -9.77 6.03 -15.98
C GLY A 292 -9.87 6.48 -14.53
N SER A 293 -8.90 7.25 -14.03
CA SER A 293 -8.98 7.88 -12.70
C SER A 293 -9.40 9.37 -12.76
N ARG A 294 -9.70 9.91 -13.96
CA ARG A 294 -10.57 11.09 -14.14
C ARG A 294 -12.02 10.63 -14.36
N ASP B 4 -10.46 10.37 -5.17
CA ASP B 4 -10.94 9.18 -4.41
C ASP B 4 -11.44 9.65 -3.05
N PRO B 5 -12.77 9.53 -2.77
CA PRO B 5 -13.25 9.85 -1.41
C PRO B 5 -12.79 8.83 -0.35
N THR B 6 -12.17 7.72 -0.80
CA THR B 6 -11.61 6.69 0.08
C THR B 6 -10.16 6.99 0.54
N ILE B 7 -9.60 8.14 0.16
CA ILE B 7 -8.29 8.57 0.65
C ILE B 7 -8.47 9.66 1.68
N PHE B 8 -8.15 9.35 2.92
CA PHE B 8 -8.23 10.33 4.02
C PHE B 8 -6.81 10.90 4.28
N GLU B 9 -6.68 12.21 4.41
CA GLU B 9 -5.39 12.83 4.64
C GLU B 9 -5.03 12.71 6.09
N GLU B 10 -3.86 12.13 6.37
CA GLU B 10 -3.46 11.88 7.74
C GLU B 10 -3.53 13.11 8.62
N ARG B 11 -3.05 14.24 8.12
CA ARG B 11 -3.06 15.45 8.94
C ARG B 11 -4.44 15.93 9.36
N HIS B 12 -5.52 15.50 8.69
CA HIS B 12 -6.90 15.88 9.09
C HIS B 12 -7.60 14.86 10.02
N LEU B 13 -6.91 13.79 10.37
CA LEU B 13 -7.42 12.81 11.32
C LEU B 13 -7.03 13.20 12.75
N LYS B 14 -8.02 13.64 13.52
CA LYS B 14 -7.81 14.05 14.90
C LYS B 14 -8.22 12.93 15.88
N TYR B 15 -7.22 12.40 16.59
CA TYR B 15 -7.40 11.36 17.59
C TYR B 15 -8.32 11.76 18.75
N ILE B 16 -9.19 10.84 19.16
CA ILE B 16 -10.13 11.13 20.22
C ILE B 16 -9.97 10.11 21.37
N SER B 17 -10.20 8.82 21.07
CA SER B 17 -9.98 7.78 22.06
C SER B 17 -9.76 6.40 21.44
N GLN B 18 -9.49 5.41 22.28
CA GLN B 18 -9.28 4.03 21.87
C GLN B 18 -10.59 3.20 21.97
N LEU B 19 -10.88 2.49 20.90
CA LEU B 19 -12.07 1.65 20.85
C LEU B 19 -11.73 0.21 21.13
N GLY B 20 -10.59 -0.24 20.69
CA GLY B 20 -10.12 -1.58 20.99
C GLY B 20 -8.66 -1.69 20.75
N LYS B 21 -8.11 -2.75 21.31
CA LYS B 21 -6.66 -2.97 21.34
C LYS B 21 -6.40 -4.44 21.19
N GLY B 22 -5.40 -4.78 20.40
CA GLY B 22 -4.82 -6.12 20.37
C GLY B 22 -3.31 -5.99 20.52
N ASN B 23 -2.65 -7.11 20.32
CA ASN B 23 -1.19 -7.16 20.51
C ASN B 23 -0.44 -6.33 19.48
N PHE B 24 -1.01 -6.24 18.27
CA PHE B 24 -0.36 -5.62 17.12
C PHE B 24 -1.11 -4.44 16.54
N GLY B 25 -2.24 -4.09 17.14
CA GLY B 25 -3.01 -2.96 16.64
C GLY B 25 -3.99 -2.39 17.64
N SER B 26 -4.46 -1.21 17.25
CA SER B 26 -5.60 -0.59 17.92
C SER B 26 -6.54 0.00 16.88
N VAL B 27 -7.79 0.06 17.28
CA VAL B 27 -8.85 0.85 16.63
C VAL B 27 -9.09 2.05 17.53
N GLU B 28 -9.00 3.22 16.88
CA GLU B 28 -9.17 4.51 17.52
C GLU B 28 -10.35 5.30 16.98
N LEU B 29 -11.03 6.01 17.86
CA LEU B 29 -12.04 6.98 17.45
C LEU B 29 -11.33 8.25 17.05
N CYS B 30 -11.55 8.70 15.82
CA CYS B 30 -11.00 9.97 15.35
C CYS B 30 -12.04 10.81 14.71
N ARG B 31 -11.74 12.10 14.53
CA ARG B 31 -12.56 12.97 13.70
C ARG B 31 -11.81 13.24 12.45
N TYR B 32 -12.49 13.15 11.30
CA TYR B 32 -11.89 13.60 10.02
C TYR B 32 -12.36 15.02 9.83
N ASP B 33 -11.42 15.95 9.97
CA ASP B 33 -11.74 17.34 10.13
C ASP B 33 -10.96 18.19 9.11
N PRO B 34 -11.24 18.01 7.79
CA PRO B 34 -10.50 18.82 6.77
C PRO B 34 -10.74 20.33 6.87
N LEU B 35 -11.87 20.77 7.43
CA LEU B 35 -12.05 22.20 7.66
C LEU B 35 -11.31 22.72 8.89
N GLY B 36 -10.83 21.82 9.74
CA GLY B 36 -10.03 22.18 10.89
C GLY B 36 -10.78 22.99 11.94
N ASP B 37 -12.12 22.90 11.95
CA ASP B 37 -12.96 23.61 12.93
C ASP B 37 -13.70 22.65 13.89
N ASN B 38 -13.21 21.42 13.98
CA ASN B 38 -13.83 20.37 14.79
C ASN B 38 -15.29 20.06 14.48
N THR B 39 -15.69 20.23 13.23
CA THR B 39 -17.03 19.81 12.76
C THR B 39 -17.11 18.56 11.89
N GLY B 40 -15.97 18.00 11.55
CA GLY B 40 -15.93 16.84 10.68
C GLY B 40 -16.50 15.57 11.26
N ALA B 41 -16.64 14.57 10.41
CA ALA B 41 -17.25 13.30 10.77
C ALA B 41 -16.34 12.46 11.70
N LEU B 42 -16.97 11.70 12.59
CA LEU B 42 -16.28 10.71 13.40
C LEU B 42 -16.14 9.36 12.62
N VAL B 43 -14.97 8.71 12.76
CA VAL B 43 -14.65 7.46 12.13
C VAL B 43 -13.86 6.64 13.10
N ALA B 44 -13.81 5.32 12.81
CA ALA B 44 -13.00 4.36 13.56
C ALA B 44 -11.83 4.12 12.70
N VAL B 45 -10.64 4.18 13.29
CA VAL B 45 -9.36 4.09 12.50
C VAL B 45 -8.45 3.06 13.11
N LYS B 46 -8.13 2.03 12.35
CA LYS B 46 -7.20 1.04 12.81
C LYS B 46 -5.77 1.40 12.29
N GLN B 47 -4.80 1.16 13.18
CA GLN B 47 -3.36 1.28 12.85
C GLN B 47 -2.61 0.21 13.61
N LEU B 48 -1.40 -0.08 13.17
CA LEU B 48 -0.59 -1.08 13.87
C LEU B 48 0.34 -0.50 14.92
N GLN B 49 0.59 -1.27 15.98
CA GLN B 49 1.82 -1.12 16.79
C GLN B 49 2.54 -2.46 16.97
N HIS B 50 3.81 -2.39 17.42
CA HIS B 50 4.64 -3.60 17.66
C HIS B 50 4.55 -4.55 16.46
N SER B 51 4.73 -4.00 15.27
CA SER B 51 4.48 -4.76 14.04
C SER B 51 5.74 -4.87 13.19
N GLY B 52 6.02 -6.10 12.75
CA GLY B 52 6.98 -6.35 11.68
C GLY B 52 6.25 -6.60 10.38
N PRO B 53 6.97 -7.01 9.32
CA PRO B 53 6.42 -7.32 8.00
C PRO B 53 5.16 -8.19 8.01
N ASP B 54 5.14 -9.29 8.77
CA ASP B 54 3.97 -10.20 8.80
C ASP B 54 2.68 -9.49 9.21
N GLN B 55 2.80 -8.63 10.22
CA GLN B 55 1.66 -7.91 10.73
C GLN B 55 1.22 -6.88 9.70
N GLN B 56 2.19 -6.16 9.10
CA GLN B 56 1.91 -5.21 8.00
C GLN B 56 1.28 -5.92 6.80
N ARG B 57 1.80 -7.09 6.46
CA ARG B 57 1.23 -7.90 5.40
C ARG B 57 -0.18 -8.37 5.75
N ASP B 58 -0.40 -8.86 6.95
CA ASP B 58 -1.78 -9.21 7.38
C ASP B 58 -2.72 -7.97 7.38
N PHE B 59 -2.18 -6.80 7.69
CA PHE B 59 -3.02 -5.58 7.71
C PHE B 59 -3.52 -5.17 6.31
N GLN B 60 -2.60 -5.24 5.33
CA GLN B 60 -2.96 -5.00 3.92
C GLN B 60 -4.06 -5.96 3.42
N ARG B 61 -3.99 -7.20 3.86
CA ARG B 61 -5.00 -8.19 3.55
C ARG B 61 -6.31 -7.75 4.16
N GLU B 62 -6.27 -7.41 5.43
CA GLU B 62 -7.48 -6.96 6.14
C GLU B 62 -8.17 -5.82 5.42
N ILE B 63 -7.36 -4.88 4.90
CA ILE B 63 -7.87 -3.69 4.19
C ILE B 63 -8.57 -4.13 2.90
N GLN B 64 -7.95 -5.03 2.17
CA GLN B 64 -8.51 -5.45 0.89
C GLN B 64 -9.76 -6.27 1.11
N ILE B 65 -9.72 -7.13 2.11
CA ILE B 65 -10.91 -7.90 2.46
C ILE B 65 -12.06 -6.98 2.75
N LEU B 66 -11.93 -6.13 3.79
CA LEU B 66 -13.09 -5.36 4.25
C LEU B 66 -13.62 -4.40 3.17
N LYS B 67 -12.70 -3.85 2.36
CA LYS B 67 -13.02 -2.97 1.27
C LYS B 67 -13.94 -3.59 0.20
N ALA B 68 -13.79 -4.91 0.02
CA ALA B 68 -14.58 -5.66 -0.90
C ALA B 68 -15.92 -6.13 -0.37
N LEU B 69 -16.17 -6.01 0.93
CA LEU B 69 -17.44 -6.58 1.47
C LEU B 69 -18.50 -5.52 1.51
N HIS B 70 -19.68 -5.84 1.01
CA HIS B 70 -20.79 -4.87 0.96
C HIS B 70 -22.03 -5.53 1.52
N SER B 71 -22.13 -5.56 2.83
CA SER B 71 -23.25 -6.25 3.50
C SER B 71 -23.71 -5.38 4.59
N ASP B 72 -25.01 -5.44 4.85
CA ASP B 72 -25.66 -4.77 5.97
C ASP B 72 -25.21 -5.28 7.35
N PHE B 73 -24.66 -6.48 7.41
CA PHE B 73 -24.20 -7.09 8.65
C PHE B 73 -22.70 -7.23 8.78
N ILE B 74 -21.96 -6.41 8.00
CA ILE B 74 -20.51 -6.30 8.12
C ILE B 74 -20.14 -4.80 8.20
N VAL B 75 -19.28 -4.47 9.17
CA VAL B 75 -18.87 -3.10 9.43
C VAL B 75 -18.30 -2.50 8.12
N LYS B 76 -18.63 -1.25 7.87
CA LYS B 76 -18.38 -0.61 6.57
C LYS B 76 -16.98 0.01 6.46
N TYR B 77 -16.29 -0.35 5.41
CA TYR B 77 -15.01 0.23 5.03
C TYR B 77 -15.26 1.64 4.53
N ARG B 78 -14.47 2.61 4.98
CA ARG B 78 -14.53 3.97 4.43
C ARG B 78 -13.33 4.38 3.58
N GLY B 79 -12.14 3.94 3.94
CA GLY B 79 -10.95 4.39 3.22
C GLY B 79 -9.69 4.06 3.96
N VAL B 80 -8.59 4.61 3.45
CA VAL B 80 -7.32 4.51 4.10
C VAL B 80 -6.70 5.90 4.23
N SER B 81 -5.71 5.92 5.10
CA SER B 81 -4.82 7.03 5.22
C SER B 81 -3.38 6.55 5.22
N TYR B 82 -2.50 7.49 4.94
CA TYR B 82 -1.06 7.24 4.98
C TYR B 82 -0.40 8.59 5.04
N GLY B 83 0.88 8.58 5.32
CA GLY B 83 1.59 9.82 5.47
C GLY B 83 3.06 9.52 5.41
N PRO B 84 3.89 10.57 5.61
CA PRO B 84 5.33 10.43 5.69
C PRO B 84 5.65 9.43 6.77
N GLY B 85 6.38 8.36 6.44
CA GLY B 85 6.70 7.39 7.48
C GLY B 85 6.28 5.98 7.14
N ARG B 86 7.21 5.07 7.36
CA ARG B 86 6.93 3.64 7.40
C ARG B 86 6.01 3.39 8.61
N GLN B 87 5.11 2.42 8.49
CA GLN B 87 4.09 2.11 9.52
C GLN B 87 2.93 3.14 9.70
N SER B 88 2.81 4.14 8.81
CA SER B 88 1.73 5.16 8.85
C SER B 88 0.38 4.80 8.16
N LEU B 89 0.28 3.60 7.59
CA LEU B 89 -0.94 3.12 6.94
C LEU B 89 -2.10 2.91 7.97
N ARG B 90 -3.28 3.45 7.66
CA ARG B 90 -4.44 3.36 8.55
C ARG B 90 -5.65 2.91 7.76
N LEU B 91 -6.55 2.20 8.43
CA LEU B 91 -7.79 1.74 7.85
C LEU B 91 -8.84 2.57 8.49
N VAL B 92 -9.65 3.21 7.66
CA VAL B 92 -10.73 4.04 8.12
C VAL B 92 -12.06 3.31 7.92
N MET B 93 -12.79 3.13 9.02
CA MET B 93 -14.11 2.51 9.03
C MET B 93 -15.20 3.42 9.62
N GLU B 94 -16.45 3.06 9.35
CA GLU B 94 -17.55 3.65 10.08
C GLU B 94 -17.42 3.44 11.63
N TYR B 95 -17.89 4.43 12.37
CA TYR B 95 -17.89 4.44 13.81
C TYR B 95 -19.32 4.16 14.26
N LEU B 96 -19.49 3.11 15.06
CA LEU B 96 -20.79 2.74 15.71
C LEU B 96 -20.80 3.01 17.20
N PRO B 97 -21.37 4.17 17.58
CA PRO B 97 -21.19 4.62 18.92
C PRO B 97 -21.89 3.75 19.96
N SER B 98 -22.82 2.87 19.59
CA SER B 98 -23.44 1.97 20.63
C SER B 98 -22.53 0.82 21.07
N GLY B 99 -21.38 0.69 20.42
CA GLY B 99 -20.37 -0.27 20.85
C GLY B 99 -20.69 -1.72 20.53
N CYS B 100 -20.06 -2.64 21.29
CA CYS B 100 -20.09 -4.05 20.95
C CYS B 100 -21.22 -4.77 21.67
N LEU B 101 -21.65 -5.84 21.03
CA LEU B 101 -22.85 -6.60 21.51
C LEU B 101 -22.66 -7.21 22.88
N ARG B 102 -21.44 -7.67 23.14
CA ARG B 102 -21.06 -8.18 24.46
C ARG B 102 -21.36 -7.19 25.55
N ASP B 103 -20.88 -5.96 25.40
CA ASP B 103 -21.24 -4.88 26.39
C ASP B 103 -22.72 -4.53 26.38
N PHE B 104 -23.34 -4.46 25.21
CA PHE B 104 -24.75 -4.13 25.07
C PHE B 104 -25.67 -5.16 25.81
N LEU B 105 -25.36 -6.45 25.65
CA LEU B 105 -26.14 -7.52 26.31
C LEU B 105 -25.97 -7.47 27.83
N GLN B 106 -24.74 -7.23 28.28
CA GLN B 106 -24.50 -7.05 29.73
C GLN B 106 -25.22 -5.85 30.30
N ARG B 107 -25.19 -4.73 29.59
CA ARG B 107 -25.92 -3.55 30.06
C ARG B 107 -27.46 -3.76 30.06
N HIS B 108 -28.04 -4.24 28.96
CA HIS B 108 -29.50 -4.20 28.76
C HIS B 108 -30.22 -5.52 28.95
N ARG B 109 -29.53 -6.49 29.56
CA ARG B 109 -30.00 -7.87 29.72
C ARG B 109 -31.48 -7.94 30.11
N ALA B 110 -31.83 -7.13 31.10
CA ALA B 110 -33.18 -7.15 31.68
C ALA B 110 -34.29 -6.91 30.64
N ARG B 111 -34.00 -6.11 29.61
CA ARG B 111 -35.02 -5.74 28.60
C ARG B 111 -34.88 -6.39 27.23
N LEU B 112 -34.11 -7.46 27.13
CA LEU B 112 -33.94 -8.12 25.83
C LEU B 112 -34.50 -9.53 25.94
N ASP B 113 -35.54 -9.82 25.16
CA ASP B 113 -36.17 -11.14 25.19
C ASP B 113 -35.56 -12.09 24.17
N ALA B 114 -35.99 -13.34 24.20
CA ALA B 114 -35.43 -14.36 23.31
C ALA B 114 -35.64 -14.06 21.81
N SER B 115 -36.74 -13.35 21.52
CA SER B 115 -37.04 -12.90 20.17
C SER B 115 -35.97 -11.93 19.61
N ARG B 116 -35.53 -10.99 20.43
CA ARG B 116 -34.46 -10.08 20.01
C ARG B 116 -33.07 -10.78 19.88
N LEU B 117 -32.77 -11.69 20.79
CA LEU B 117 -31.57 -12.50 20.72
C LEU B 117 -31.59 -13.36 19.45
N LEU B 118 -32.77 -13.91 19.11
CA LEU B 118 -32.95 -14.60 17.84
C LEU B 118 -32.66 -13.73 16.62
N LEU B 119 -33.16 -12.50 16.65
CA LEU B 119 -32.91 -11.53 15.64
C LEU B 119 -31.41 -11.28 15.44
N TYR B 120 -30.70 -11.01 16.53
CA TYR B 120 -29.24 -10.84 16.45
C TYR B 120 -28.54 -12.11 15.87
N SER B 121 -28.97 -13.28 16.32
CA SER B 121 -28.47 -14.58 15.78
C SER B 121 -28.68 -14.74 14.30
N SER B 122 -29.88 -14.36 13.85
CA SER B 122 -30.19 -14.40 12.44
C SER B 122 -29.24 -13.46 11.66
N GLN B 123 -28.98 -12.27 12.17
CA GLN B 123 -28.16 -11.26 11.44
C GLN B 123 -26.73 -11.62 11.32
N ILE B 124 -26.21 -12.11 12.43
CA ILE B 124 -24.84 -12.58 12.49
C ILE B 124 -24.67 -13.73 11.52
N CYS B 125 -25.65 -14.65 11.53
CA CYS B 125 -25.64 -15.78 10.60
C CYS B 125 -25.58 -15.31 9.12
N LYS B 126 -26.37 -14.29 8.76
CA LYS B 126 -26.40 -13.79 7.41
C LYS B 126 -25.07 -13.12 6.99
N GLY B 127 -24.48 -12.36 7.88
CA GLY B 127 -23.17 -11.78 7.58
C GLY B 127 -22.14 -12.90 7.37
N MET B 128 -22.29 -14.01 8.11
CA MET B 128 -21.41 -15.16 8.00
C MET B 128 -21.68 -15.93 6.71
N GLU B 129 -22.94 -16.02 6.28
CA GLU B 129 -23.25 -16.57 4.98
C GLU B 129 -22.58 -15.71 3.90
N TYR B 130 -22.68 -14.39 4.03
CA TYR B 130 -22.06 -13.46 3.06
C TYR B 130 -20.54 -13.67 2.95
N LEU B 131 -19.88 -13.77 4.10
CA LEU B 131 -18.45 -14.13 4.16
C LEU B 131 -18.14 -15.45 3.49
N GLY B 132 -18.92 -16.47 3.84
CA GLY B 132 -18.81 -17.79 3.27
C GLY B 132 -18.83 -17.78 1.76
N SER B 133 -19.79 -17.05 1.17
CA SER B 133 -19.88 -16.91 -0.27
C SER B 133 -18.69 -16.23 -0.90
N ARG B 134 -17.92 -15.46 -0.13
CA ARG B 134 -16.65 -14.87 -0.61
C ARG B 134 -15.44 -15.71 -0.22
N ARG B 135 -15.71 -16.89 0.34
CA ARG B 135 -14.68 -17.79 0.80
C ARG B 135 -13.75 -17.15 1.87
N CYS B 136 -14.33 -16.32 2.75
CA CYS B 136 -13.61 -15.71 3.79
C CYS B 136 -13.85 -16.44 5.11
N VAL B 137 -12.77 -16.75 5.82
CA VAL B 137 -12.86 -17.32 7.13
C VAL B 137 -12.56 -16.12 8.07
N HIS B 138 -13.44 -15.93 9.04
CA HIS B 138 -13.36 -14.78 9.92
C HIS B 138 -12.39 -14.98 11.08
N ARG B 139 -12.50 -16.10 11.79
CA ARG B 139 -11.58 -16.52 12.86
C ARG B 139 -11.64 -15.80 14.21
N ALA B 140 -12.46 -14.79 14.34
CA ALA B 140 -12.52 -14.04 15.58
C ALA B 140 -14.00 -13.80 15.91
N LEU B 141 -14.87 -14.69 15.51
CA LEU B 141 -16.29 -14.46 15.68
C LEU B 141 -16.63 -14.63 17.15
N ALA B 142 -16.96 -13.52 17.79
CA ALA B 142 -17.29 -13.50 19.20
C ALA B 142 -18.09 -12.20 19.44
N ALA B 143 -18.95 -12.23 20.45
CA ALA B 143 -19.79 -11.07 20.80
C ALA B 143 -19.05 -9.74 20.96
N ARG B 144 -17.82 -9.79 21.45
CA ARG B 144 -17.01 -8.57 21.62
C ARG B 144 -16.59 -7.93 20.30
N ASN B 145 -16.70 -8.66 19.19
CA ASN B 145 -16.36 -8.20 17.84
C ASN B 145 -17.58 -7.96 16.96
N ILE B 146 -18.78 -8.11 17.51
CA ILE B 146 -19.98 -7.76 16.85
C ILE B 146 -20.40 -6.34 17.36
N LEU B 147 -20.84 -5.48 16.45
CA LEU B 147 -21.17 -4.10 16.79
C LEU B 147 -22.68 -3.88 16.72
N VAL B 148 -23.13 -2.90 17.48
CA VAL B 148 -24.49 -2.56 17.53
C VAL B 148 -24.67 -1.31 16.75
N GLU B 149 -25.38 -1.43 15.66
CA GLU B 149 -25.78 -0.31 14.84
C GLU B 149 -26.97 0.33 15.43
N SER B 150 -27.93 -0.45 15.89
CA SER B 150 -29.13 0.07 16.56
C SER B 150 -29.67 -1.10 17.37
N GLU B 151 -30.69 -0.86 18.19
CA GLU B 151 -31.19 -1.94 19.04
C GLU B 151 -31.63 -3.21 18.28
N ALA B 152 -31.98 -3.10 16.99
CA ALA B 152 -32.41 -4.24 16.14
C ALA B 152 -31.48 -4.42 14.91
N HIS B 153 -30.20 -4.09 15.07
CA HIS B 153 -29.28 -4.22 13.92
C HIS B 153 -27.84 -4.39 14.42
N VAL B 154 -27.26 -5.55 14.14
CA VAL B 154 -25.86 -5.82 14.47
C VAL B 154 -25.02 -6.03 13.21
N LYS B 155 -23.72 -5.92 13.40
CA LYS B 155 -22.73 -5.95 12.32
C LYS B 155 -21.46 -6.61 12.81
N ILE B 156 -20.85 -7.48 12.00
CA ILE B 156 -19.66 -8.15 12.34
C ILE B 156 -18.48 -7.22 12.04
N ALA B 157 -17.57 -7.16 13.00
CA ALA B 157 -16.36 -6.36 12.94
C ALA B 157 -15.12 -7.27 13.26
N ASP B 158 -13.97 -6.64 13.52
CA ASP B 158 -12.66 -7.28 13.75
C ASP B 158 -12.29 -8.33 12.73
N PHE B 159 -11.74 -7.83 11.63
CA PHE B 159 -11.29 -8.65 10.55
C PHE B 159 -9.80 -8.84 10.62
N GLY B 160 -9.22 -8.60 11.83
CA GLY B 160 -7.78 -8.68 11.99
C GLY B 160 -7.16 -10.05 11.68
N LEU B 161 -7.93 -11.11 11.92
CA LEU B 161 -7.53 -12.47 11.67
C LEU B 161 -8.18 -13.10 10.44
N ALA B 162 -9.05 -12.37 9.72
CA ALA B 162 -9.73 -12.95 8.58
C ALA B 162 -8.76 -13.35 7.44
N LYS B 163 -9.14 -14.38 6.70
CA LYS B 163 -8.30 -14.90 5.63
C LYS B 163 -9.18 -15.53 4.56
N LEU B 164 -8.74 -15.41 3.31
CA LEU B 164 -9.45 -15.99 2.18
C LEU B 164 -8.96 -17.41 1.99
N LEU B 165 -9.89 -18.31 1.70
CA LEU B 165 -9.57 -19.67 1.31
C LEU B 165 -8.94 -19.66 -0.05
N PRO B 166 -8.00 -20.58 -0.30
CA PRO B 166 -7.58 -20.76 -1.69
C PRO B 166 -8.76 -21.13 -2.58
N LEU B 167 -8.62 -20.88 -3.87
CA LEU B 167 -9.67 -21.30 -4.81
C LEU B 167 -9.85 -22.82 -4.92
N ASP B 168 -8.86 -23.63 -4.53
CA ASP B 168 -8.91 -25.09 -4.69
C ASP B 168 -8.92 -25.92 -3.40
N LYS B 169 -8.93 -25.28 -2.23
CA LYS B 169 -9.15 -25.98 -0.95
C LYS B 169 -10.20 -25.24 -0.11
N ASP B 170 -10.91 -26.00 0.73
CA ASP B 170 -11.92 -25.46 1.60
C ASP B 170 -11.43 -25.27 3.06
N TYR B 171 -10.12 -25.19 3.26
CA TYR B 171 -9.55 -24.88 4.58
C TYR B 171 -8.18 -24.26 4.36
N TYR B 172 -7.61 -23.65 5.40
CA TYR B 172 -6.19 -23.31 5.36
C TYR B 172 -5.62 -23.57 6.74
N VAL B 173 -4.31 -23.57 6.81
CA VAL B 173 -3.61 -23.94 7.96
C VAL B 173 -2.72 -22.78 8.34
N VAL B 174 -2.67 -22.49 9.63
CA VAL B 174 -1.71 -21.49 10.12
C VAL B 174 -0.51 -22.13 10.81
N ARG B 175 0.63 -21.42 10.79
CA ARG B 175 1.85 -22.01 11.35
C ARG B 175 1.68 -22.41 12.83
N GLN B 179 -2.23 -15.31 20.18
CA GLN B 179 -3.15 -15.63 21.27
C GLN B 179 -4.55 -15.81 20.71
N SER B 180 -5.07 -17.03 20.80
CA SER B 180 -6.43 -17.42 20.35
C SER B 180 -7.42 -17.52 21.55
N PRO B 181 -8.69 -17.15 21.34
CA PRO B 181 -9.74 -17.26 22.37
C PRO B 181 -10.17 -18.71 22.43
N ILE B 182 -9.53 -19.51 23.31
CA ILE B 182 -9.58 -21.00 23.12
C ILE B 182 -10.98 -21.56 23.24
N PHE B 183 -11.84 -20.92 24.04
CA PHE B 183 -13.20 -21.45 24.26
C PHE B 183 -14.14 -21.13 23.15
N TRP B 184 -13.65 -20.40 22.11
CA TRP B 184 -14.49 -20.15 20.91
C TRP B 184 -14.11 -21.01 19.71
N TYR B 185 -12.98 -21.73 19.83
CA TYR B 185 -12.28 -22.34 18.70
C TYR B 185 -12.65 -23.80 18.50
N ALA B 186 -12.82 -24.22 17.23
CA ALA B 186 -13.11 -25.63 16.90
C ALA B 186 -11.92 -26.52 17.31
N PRO B 187 -12.19 -27.76 17.71
CA PRO B 187 -11.09 -28.62 18.15
C PRO B 187 -10.01 -28.85 17.11
N GLU B 188 -10.37 -29.03 15.83
CA GLU B 188 -9.34 -29.14 14.72
C GLU B 188 -8.50 -27.89 14.61
N SER B 189 -9.02 -26.73 14.98
CA SER B 189 -8.26 -25.50 14.94
C SER B 189 -7.26 -25.41 16.10
N LEU B 190 -7.70 -25.77 17.29
CA LEU B 190 -6.83 -25.83 18.47
C LEU B 190 -5.76 -26.88 18.38
N SER B 191 -6.15 -28.06 17.90
CA SER B 191 -5.25 -29.22 17.75
C SER B 191 -4.30 -29.11 16.60
N ASP B 192 -4.84 -28.78 15.43
CA ASP B 192 -4.06 -28.87 14.21
C ASP B 192 -3.97 -27.60 13.38
N ASN B 193 -4.39 -26.47 13.92
CA ASN B 193 -4.35 -25.18 13.22
C ASN B 193 -5.10 -25.17 11.89
N ILE B 194 -6.17 -25.95 11.80
CA ILE B 194 -6.97 -26.04 10.58
C ILE B 194 -8.13 -25.09 10.75
N PHE B 195 -8.26 -24.16 9.80
CA PHE B 195 -9.35 -23.22 9.75
C PHE B 195 -10.19 -23.31 8.49
N SER B 196 -11.50 -23.10 8.64
CA SER B 196 -12.48 -23.29 7.58
C SER B 196 -13.77 -22.57 7.95
N ARG B 197 -14.70 -22.56 7.01
CA ARG B 197 -15.99 -22.01 7.23
C ARG B 197 -16.75 -22.84 8.33
N GLN B 198 -16.43 -24.10 8.38
CA GLN B 198 -16.99 -25.01 9.34
CA GLN B 198 -16.99 -25.01 9.34
C GLN B 198 -16.38 -24.78 10.75
N SER B 199 -15.16 -24.22 10.82
CA SER B 199 -14.58 -23.86 12.12
C SER B 199 -15.22 -22.55 12.59
N ASP B 200 -15.53 -21.65 11.68
CA ASP B 200 -16.36 -20.46 12.03
C ASP B 200 -17.75 -20.92 12.56
N VAL B 201 -18.31 -22.02 12.07
CA VAL B 201 -19.65 -22.54 12.57
C VAL B 201 -19.50 -22.92 14.01
N TRP B 202 -18.40 -23.59 14.35
CA TRP B 202 -18.21 -23.97 15.74
C TRP B 202 -18.24 -22.68 16.63
N SER B 203 -17.42 -21.65 16.26
CA SER B 203 -17.44 -20.36 16.93
C SER B 203 -18.82 -19.74 17.00
N PHE B 204 -19.61 -19.82 15.89
CA PHE B 204 -20.96 -19.28 15.87
C PHE B 204 -21.87 -19.95 16.97
N GLY B 205 -21.69 -21.23 17.18
CA GLY B 205 -22.38 -21.95 18.25
C GLY B 205 -22.03 -21.35 19.63
N VAL B 206 -20.76 -20.92 19.82
CA VAL B 206 -20.36 -20.32 21.10
C VAL B 206 -20.96 -18.91 21.20
N VAL B 207 -21.05 -18.21 20.05
CA VAL B 207 -21.74 -16.94 19.95
C VAL B 207 -23.22 -17.10 20.38
N LEU B 208 -23.88 -18.13 19.88
CA LEU B 208 -25.28 -18.41 20.38
C LEU B 208 -25.27 -18.53 21.90
N TYR B 209 -24.35 -19.31 22.42
CA TYR B 209 -24.19 -19.47 23.87
C TYR B 209 -24.07 -18.13 24.62
N GLU B 210 -23.22 -17.25 24.09
CA GLU B 210 -23.07 -15.88 24.55
C GLU B 210 -24.35 -15.04 24.55
N LEU B 211 -25.03 -15.05 23.41
CA LEU B 211 -26.26 -14.30 23.27
C LEU B 211 -27.24 -14.79 24.36
N PHE B 212 -27.42 -16.11 24.44
CA PHE B 212 -28.51 -16.60 25.26
C PHE B 212 -28.17 -16.73 26.74
N THR B 213 -26.91 -16.43 27.07
CA THR B 213 -26.49 -16.18 28.46
C THR B 213 -26.31 -14.68 28.74
N TYR B 214 -26.69 -13.83 27.79
CA TYR B 214 -26.47 -12.39 27.88
C TYR B 214 -25.03 -11.98 28.26
N CYS B 215 -24.06 -12.80 27.80
CA CYS B 215 -22.64 -12.60 28.09
C CYS B 215 -22.40 -12.43 29.59
N ASP B 216 -23.27 -13.05 30.39
CA ASP B 216 -23.10 -13.00 31.80
C ASP B 216 -21.80 -13.66 32.24
N LYS B 217 -21.01 -12.98 33.05
CA LYS B 217 -19.66 -13.46 33.38
C LYS B 217 -19.66 -14.74 34.21
N SER B 218 -20.70 -14.92 35.03
CA SER B 218 -20.78 -16.12 35.83
C SER B 218 -21.09 -17.40 35.02
N CYS B 219 -21.67 -17.23 33.84
CA CYS B 219 -22.07 -18.30 32.91
C CYS B 219 -21.13 -18.39 31.69
N SER B 220 -20.04 -17.64 31.69
CA SER B 220 -19.17 -17.56 30.51
C SER B 220 -18.61 -18.95 30.15
N PRO B 221 -18.18 -19.11 28.89
CA PRO B 221 -17.46 -20.32 28.57
C PRO B 221 -16.34 -20.65 29.55
N SER B 222 -15.53 -19.68 29.93
CA SER B 222 -14.42 -19.92 30.84
C SER B 222 -14.91 -20.28 32.25
N ALA B 223 -15.98 -19.68 32.73
CA ALA B 223 -16.54 -20.08 34.03
C ALA B 223 -17.10 -21.51 34.05
N GLU B 224 -17.72 -21.93 32.94
CA GLU B 224 -18.27 -23.30 32.83
C GLU B 224 -17.13 -24.29 32.75
N PHE B 225 -16.08 -23.93 32.00
CA PHE B 225 -14.91 -24.74 31.96
C PHE B 225 -14.36 -24.95 33.39
N LEU B 226 -14.21 -23.87 34.16
CA LEU B 226 -13.69 -23.96 35.53
C LEU B 226 -14.58 -24.83 36.44
N ARG B 227 -15.88 -24.76 36.22
CA ARG B 227 -16.83 -25.64 36.89
C ARG B 227 -16.69 -27.10 36.45
N MET B 228 -16.46 -27.35 35.16
CA MET B 228 -16.34 -28.73 34.65
C MET B 228 -14.98 -29.38 35.03
N MET B 229 -14.11 -28.67 35.74
CA MET B 229 -12.86 -29.21 36.31
C MET B 229 -13.06 -30.09 37.52
N GLU B 232 -8.87 -30.66 39.45
CA GLU B 232 -7.44 -30.49 39.21
C GLU B 232 -7.25 -29.18 38.48
N ARG B 233 -6.94 -28.14 39.24
CA ARG B 233 -6.80 -26.79 38.69
C ARG B 233 -5.39 -26.47 38.17
N ASP B 234 -4.47 -27.43 38.17
CA ASP B 234 -3.17 -27.18 37.53
C ASP B 234 -3.00 -27.90 36.20
N VAL B 235 -4.11 -28.25 35.56
CA VAL B 235 -4.08 -28.86 34.25
C VAL B 235 -4.19 -27.72 33.28
N PRO B 236 -3.20 -27.58 32.38
CA PRO B 236 -3.30 -26.55 31.34
C PRO B 236 -4.67 -26.57 30.64
N ALA B 237 -5.28 -25.41 30.53
CA ALA B 237 -6.66 -25.30 30.10
C ALA B 237 -6.87 -25.98 28.73
N LEU B 238 -6.00 -25.68 27.79
CA LEU B 238 -6.19 -26.14 26.46
C LEU B 238 -6.15 -27.64 26.40
N SER B 239 -5.25 -28.23 27.15
CA SER B 239 -5.11 -29.68 27.17
C SER B 239 -6.39 -30.32 27.71
N ARG B 240 -6.87 -29.80 28.81
CA ARG B 240 -8.05 -30.36 29.42
C ARG B 240 -9.32 -30.10 28.60
N LEU B 241 -9.35 -28.98 27.91
CA LEU B 241 -10.50 -28.63 27.08
C LEU B 241 -10.59 -29.57 25.92
N LEU B 242 -9.45 -29.81 25.27
CA LEU B 242 -9.41 -30.82 24.20
C LEU B 242 -9.89 -32.21 24.69
N GLU B 243 -9.50 -32.65 25.88
CA GLU B 243 -10.01 -33.94 26.44
C GLU B 243 -11.50 -33.92 26.62
N LEU B 244 -11.98 -32.83 27.22
CA LEU B 244 -13.39 -32.70 27.52
C LEU B 244 -14.23 -32.71 26.23
N LEU B 245 -13.74 -32.01 25.18
CA LEU B 245 -14.42 -31.95 23.92
C LEU B 245 -14.37 -33.30 23.25
N GLU B 246 -13.26 -34.01 23.39
CA GLU B 246 -13.16 -35.29 22.80
C GLU B 246 -14.15 -36.28 23.44
N GLU B 247 -14.38 -36.15 24.74
CA GLU B 247 -15.32 -37.02 25.50
C GLU B 247 -16.79 -36.72 25.26
N GLY B 248 -17.10 -35.70 24.44
CA GLY B 248 -18.49 -35.37 24.18
C GLY B 248 -19.08 -34.31 25.10
N GLN B 249 -18.30 -33.72 26.00
CA GLN B 249 -18.83 -32.67 26.88
C GLN B 249 -19.00 -31.41 26.11
N ARG B 250 -20.09 -30.70 26.38
CA ARG B 250 -20.37 -29.41 25.73
C ARG B 250 -20.87 -28.42 26.73
N LEU B 251 -20.93 -27.17 26.33
CA LEU B 251 -21.54 -26.13 27.18
C LEU B 251 -23.02 -26.45 27.40
N PRO B 252 -23.54 -26.20 28.59
CA PRO B 252 -24.93 -26.58 28.86
C PRO B 252 -25.91 -25.58 28.23
N ALA B 253 -27.16 -25.99 28.09
CA ALA B 253 -28.21 -25.13 27.59
C ALA B 253 -28.49 -23.98 28.59
N PRO B 254 -28.39 -22.71 28.15
CA PRO B 254 -28.76 -21.60 29.04
C PRO B 254 -30.28 -21.63 29.36
N PRO B 255 -30.70 -21.05 30.48
CA PRO B 255 -32.15 -20.92 30.80
C PRO B 255 -32.97 -20.20 29.71
N ALA B 256 -32.37 -19.15 29.12
CA ALA B 256 -33.03 -18.37 28.05
C ALA B 256 -33.11 -19.09 26.73
N CYS B 257 -32.43 -20.22 26.64
CA CYS B 257 -32.33 -20.91 25.39
C CYS B 257 -33.54 -21.78 25.08
N PRO B 258 -34.30 -21.47 23.99
CA PRO B 258 -35.27 -22.45 23.47
C PRO B 258 -34.56 -23.72 23.01
N ALA B 259 -35.27 -24.83 23.16
CA ALA B 259 -34.75 -26.17 22.86
C ALA B 259 -34.16 -26.24 21.46
N GLU B 260 -34.81 -25.56 20.52
CA GLU B 260 -34.42 -25.60 19.11
C GLU B 260 -33.05 -24.94 18.89
N VAL B 261 -32.82 -23.85 19.60
CA VAL B 261 -31.54 -23.15 19.59
C VAL B 261 -30.46 -24.02 20.24
N HIS B 262 -30.82 -24.74 21.31
CA HIS B 262 -29.84 -25.57 21.98
C HIS B 262 -29.46 -26.70 21.06
N GLU B 263 -30.44 -27.21 20.34
CA GLU B 263 -30.19 -28.21 19.32
C GLU B 263 -29.20 -27.68 18.27
N LEU B 264 -29.45 -26.50 17.72
CA LEU B 264 -28.51 -25.88 16.72
C LEU B 264 -27.10 -25.69 17.27
N MET B 265 -26.99 -25.30 18.55
CA MET B 265 -25.68 -25.21 19.18
C MET B 265 -24.94 -26.53 19.15
N LYS B 266 -25.60 -27.59 19.59
CA LYS B 266 -25.01 -28.91 19.60
C LYS B 266 -24.59 -29.36 18.21
N LEU B 267 -25.40 -29.06 17.19
CA LEU B 267 -25.05 -29.38 15.81
C LEU B 267 -23.80 -28.56 15.30
N CYS B 268 -23.67 -27.33 15.76
CA CYS B 268 -22.53 -26.47 15.45
C CYS B 268 -21.27 -27.00 16.12
N TRP B 269 -21.48 -27.76 17.19
CA TRP B 269 -20.39 -28.40 17.88
C TRP B 269 -20.23 -29.92 17.61
N ALA B 270 -20.70 -30.39 16.47
CA ALA B 270 -20.37 -31.73 16.06
C ALA B 270 -18.83 -31.89 15.97
N PRO B 271 -18.33 -33.05 16.42
CA PRO B 271 -16.88 -33.33 16.39
C PRO B 271 -16.26 -33.20 15.01
N SER B 272 -16.90 -33.78 13.99
CA SER B 272 -16.40 -33.63 12.62
C SER B 272 -16.86 -32.35 11.98
N PRO B 273 -15.94 -31.56 11.35
CA PRO B 273 -16.39 -30.36 10.65
C PRO B 273 -17.49 -30.58 9.64
N GLN B 274 -17.40 -31.70 8.94
CA GLN B 274 -18.35 -32.02 7.92
C GLN B 274 -19.69 -32.44 8.47
N ASP B 275 -19.78 -32.80 9.75
CA ASP B 275 -21.10 -33.01 10.36
C ASP B 275 -21.77 -31.73 10.84
N ARG B 276 -21.08 -30.59 10.77
CA ARG B 276 -21.66 -29.32 11.22
C ARG B 276 -22.51 -28.71 10.13
N PRO B 277 -23.67 -28.14 10.47
CA PRO B 277 -24.46 -27.44 9.43
C PRO B 277 -23.75 -26.19 8.83
N SER B 278 -24.03 -25.83 7.59
CA SER B 278 -23.44 -24.60 7.04
C SER B 278 -24.27 -23.41 7.58
N PHE B 279 -23.75 -22.20 7.43
CA PHE B 279 -24.54 -21.03 7.77
C PHE B 279 -25.80 -20.94 6.93
N SER B 280 -25.75 -21.37 5.66
CA SER B 280 -26.93 -21.45 4.80
C SER B 280 -28.03 -22.38 5.33
N ALA B 281 -27.69 -23.41 6.09
CA ALA B 281 -28.69 -24.32 6.72
C ALA B 281 -29.15 -23.82 8.03
N LEU B 282 -28.26 -23.19 8.81
CA LEU B 282 -28.61 -22.58 10.05
C LEU B 282 -29.58 -21.41 9.90
N GLY B 283 -29.29 -20.50 8.96
CA GLY B 283 -30.02 -19.21 8.82
C GLY B 283 -31.53 -19.36 8.76
N PRO B 284 -32.05 -20.20 7.84
CA PRO B 284 -33.49 -20.44 7.78
C PRO B 284 -34.09 -20.98 9.06
N GLN B 285 -33.36 -21.80 9.82
CA GLN B 285 -33.85 -22.27 11.11
C GLN B 285 -33.94 -21.08 12.08
N LEU B 286 -32.89 -20.24 12.14
CA LEU B 286 -32.94 -19.09 13.07
C LEU B 286 -34.06 -18.11 12.68
N ASP B 287 -34.24 -17.92 11.38
CA ASP B 287 -35.39 -17.15 10.84
C ASP B 287 -36.79 -17.69 11.16
N MET B 288 -37.00 -18.98 11.01
CA MET B 288 -38.27 -19.59 11.47
C MET B 288 -38.57 -19.23 12.94
N LEU B 289 -37.57 -19.40 13.78
CA LEU B 289 -37.68 -19.14 15.21
C LEU B 289 -37.89 -17.64 15.48
N TRP B 290 -37.05 -16.79 14.90
CA TRP B 290 -37.16 -15.34 15.09
C TRP B 290 -38.50 -14.86 14.56
N SER B 291 -38.71 -14.99 13.24
CA SER B 291 -39.94 -14.49 12.62
C SER B 291 -41.18 -15.13 13.24
N GLY B 292 -41.08 -16.38 13.67
CA GLY B 292 -42.15 -17.02 14.44
C GLY B 292 -42.29 -16.58 15.88
N SER B 293 -41.30 -15.84 16.41
CA SER B 293 -41.38 -15.25 17.75
C SER B 293 -41.78 -13.75 17.72
N ARG B 294 -42.05 -13.20 16.52
CA ARG B 294 -42.95 -12.04 16.34
C ARG B 294 -44.36 -12.55 16.08
C4 F4B C . 15.26 24.67 -13.54
C5 F4B C . 17.60 22.14 -15.94
C6 F4B C . 17.27 22.77 -17.10
N1 F4B C . 16.45 23.84 -16.83
C7 F4B C . 16.55 22.27 -11.32
C8 F4B C . 16.66 21.79 -9.97
N2 F4B C . 17.14 21.86 -12.49
C9 F4B C . 16.71 22.48 -8.80
C10 F4B C . 16.71 21.54 -7.76
C11 F4B C . 16.64 20.31 -8.34
C12 F4B C . 16.57 19.03 -7.69
N3 F4B C . 15.80 23.35 -11.48
C13 F4B C . 16.50 18.86 -6.37
C14 F4B C . 16.36 17.56 -5.81
C15 F4B C . 18.10 20.77 -12.82
N4 F4B C . 16.24 16.51 -5.39
O F4B C . 16.61 20.43 -9.70
C F4B C . 15.90 23.66 -12.83
N F4B C . 15.41 24.82 -14.87
C1 F4B C . 16.72 22.76 -13.49
C2 F4B C . 16.92 22.85 -14.88
C3 F4B C . 16.21 23.92 -15.49
C20 F4B C . 17.45 19.41 -13.03
C19 F4B C . 18.50 18.30 -13.07
C18 F4B C . 19.86 18.83 -13.56
C17 F4B C . 20.42 19.89 -12.60
C16 F4B C . 19.33 20.73 -11.94
C1 PHU D . 14.30 -2.89 -7.07
C2 PHU D . 15.72 -2.48 -5.09
C3 PHU D . 16.23 -1.37 -4.44
C4 PHU D . 15.49 -3.65 -4.37
C5 PHU D . 15.76 -3.69 -3.02
C6 PHU D . 16.52 -1.43 -3.08
C7 PHU D . 16.27 -2.59 -2.37
N1 PHU D . 15.40 -2.38 -6.46
N2 PHU D . 14.20 -2.58 -8.37
O1 PHU D . 13.44 -3.55 -6.46
C1 EDO E . 21.47 23.05 -5.13
O1 EDO E . 20.70 24.25 -5.19
C2 EDO E . 22.79 23.27 -5.83
O2 EDO E . 23.14 22.03 -6.47
C1 EDO F . 25.31 19.13 -14.31
O1 EDO F . 25.91 17.88 -14.63
C2 EDO F . 24.31 18.93 -13.21
O2 EDO F . 23.29 18.08 -13.70
C1 EDO G . 19.40 2.20 -15.58
O1 EDO G . 20.05 0.96 -15.50
C2 EDO G . 20.09 3.13 -16.55
O2 EDO G . 19.61 2.85 -17.89
C1 EDO H . 21.25 39.87 -11.42
O1 EDO H . 22.53 39.93 -12.06
C2 EDO H . 20.15 39.73 -12.47
O2 EDO H . 20.66 40.01 -13.78
C1 EDO I . 13.67 9.58 -1.92
O1 EDO I . 13.80 10.99 -1.68
C2 EDO I . 13.43 9.28 -3.39
O2 EDO I . 14.30 10.12 -4.18
C1 EDO J . 24.62 4.63 -4.29
O1 EDO J . 24.26 5.64 -5.22
C2 EDO J . 25.40 5.15 -3.10
O2 EDO J . 24.78 6.33 -2.55
C4 F4B K . -17.12 1.49 17.27
C5 F4B K . -14.84 -1.07 14.86
C6 F4B K . -15.19 -0.44 13.72
N1 F4B K . -16.01 0.62 13.99
C7 F4B K . -15.83 -0.83 19.55
C8 F4B K . -15.71 -1.34 20.89
N2 F4B K . -15.23 -1.32 18.41
C9 F4B K . -15.66 -0.72 22.09
C10 F4B K . -15.66 -1.72 23.07
C11 F4B K . -15.69 -2.91 22.44
C12 F4B K . -15.74 -4.23 23.00
N3 F4B K . -16.58 0.24 19.34
C13 F4B K . -15.77 -4.48 24.31
C14 F4B K . -15.91 -5.79 24.85
C15 F4B K . -14.32 -2.48 18.35
N4 F4B K . -16.03 -6.83 25.32
O F4B K . -15.72 -2.71 21.08
C F4B K . -16.48 0.48 17.97
N F4B K . -17.01 1.63 15.95
C1 F4B K . -15.66 -0.47 17.33
C2 F4B K . -15.50 -0.36 15.93
C3 F4B K . -16.23 0.73 15.33
C20 F4B K . -14.87 -3.60 17.48
C19 F4B K . -14.02 -4.86 17.61
C18 F4B K . -12.57 -4.56 18.01
C17 F4B K . -12.10 -3.25 17.42
C16 F4B K . -12.90 -2.06 17.96
C1 PHU L . -18.23 -26.12 23.62
C2 PHU L . -16.88 -25.67 25.66
C3 PHU L . -16.32 -24.58 26.30
C4 PHU L . -17.16 -26.83 26.40
C5 PHU L . -16.89 -26.88 27.75
C6 PHU L . -16.03 -24.64 27.66
C7 PHU L . -16.32 -25.79 28.38
N1 PHU L . -17.15 -25.61 24.27
N2 PHU L . -18.29 -25.84 22.33
O1 PHU L . -19.11 -26.80 24.19
C1 EDO M . -7.17 -4.43 17.17
O1 EDO M . -6.38 -5.38 16.44
C2 EDO M . -8.55 -5.00 17.45
O2 EDO M . -8.75 -5.35 18.82
C1 EDO N . -12.41 -20.16 14.09
O1 EDO N . -12.79 -20.50 12.74
C2 EDO N . -11.85 -21.40 14.77
O2 EDO N . -12.91 -22.14 15.39
#